data_7MZS
#
_entry.id   7MZS
#
_cell.length_a   79.360
_cell.length_b   79.360
_cell.length_c   70.360
_cell.angle_alpha   90.000
_cell.angle_beta   90.000
_cell.angle_gamma   90.000
#
_symmetry.space_group_name_H-M   'I 4'
#
loop_
_entity.id
_entity.type
_entity.pdbx_description
1 polymer 'Fimbrial adhesin UcaD'
2 non-polymer alpha-D-galactopyranose
3 non-polymer 'CHLORIDE ION'
4 water water
#
_entity_poly.entity_id   1
_entity_poly.type   'polypeptide(L)'
_entity_poly.pdbx_seq_one_letter_code
;MGANDYVPSPITINTSTLPVVVIGPADAHTYPRVIGELTGTSNQYIFNGGSLIALMRGKFTPTLPKIGKITYNFRQGNNT
QSSDFDIFDTGVPGLGIIIGMAGYWPATPLVPINSSSIYIDPVAANTNPNAYNGATGSFGARLYVAFVATGRLPNGYVTI
PTKQLGHILLESNRASLNNKRLTAPVMLNGGRIQVQSLEHHHHHH
;
_entity_poly.pdbx_strand_id   A
#
# COMPACT_ATOMS: atom_id res chain seq x y z
N GLY A 2 1.54 -27.85 -6.51
CA GLY A 2 2.84 -27.91 -7.14
C GLY A 2 3.86 -27.04 -6.43
N ALA A 3 5.15 -27.27 -6.73
CA ALA A 3 6.21 -26.61 -5.97
C ALA A 3 6.08 -25.09 -6.02
N ASN A 4 5.66 -24.55 -7.18
CA ASN A 4 5.59 -23.11 -7.37
C ASN A 4 4.16 -22.62 -7.50
N ASP A 5 3.18 -23.40 -7.01
CA ASP A 5 1.76 -23.08 -7.19
C ASP A 5 1.30 -22.05 -6.18
N TYR A 6 2.09 -20.99 -6.04
CA TYR A 6 1.65 -19.85 -5.26
C TYR A 6 0.55 -19.12 -6.03
N VAL A 7 -0.45 -18.62 -5.31
CA VAL A 7 -1.50 -17.84 -5.94
C VAL A 7 -1.69 -16.53 -5.20
N PRO A 8 -2.10 -15.48 -5.88
CA PRO A 8 -2.28 -14.17 -5.24
C PRO A 8 -3.65 -14.02 -4.60
N SER A 9 -3.69 -13.14 -3.61
CA SER A 9 -4.91 -12.67 -2.97
C SER A 9 -4.76 -11.17 -2.75
N PRO A 10 -5.86 -10.43 -2.77
CA PRO A 10 -5.76 -8.98 -2.58
C PRO A 10 -5.42 -8.60 -1.13
N ILE A 11 -4.87 -7.41 -0.97
CA ILE A 11 -4.83 -6.74 0.34
C ILE A 11 -5.65 -5.46 0.17
N THR A 12 -6.53 -5.19 1.14
CA THR A 12 -7.57 -4.18 1.04
C THR A 12 -7.57 -3.31 2.28
N ILE A 13 -7.85 -2.02 2.08
CA ILE A 13 -8.06 -1.08 3.18
C ILE A 13 -9.36 -0.34 2.90
N ASN A 14 -10.05 0.09 3.95
CA ASN A 14 -11.44 0.51 3.82
C ASN A 14 -11.64 2.01 4.05
N THR A 15 -12.20 2.69 3.05
CA THR A 15 -12.56 4.09 3.18
C THR A 15 -13.45 4.32 4.40
N SER A 16 -14.30 3.35 4.73
CA SER A 16 -15.27 3.54 5.80
C SER A 16 -14.62 3.78 7.17
N THR A 17 -13.32 3.54 7.32
CA THR A 17 -12.69 3.78 8.61
C THR A 17 -12.09 5.18 8.73
N LEU A 18 -12.24 6.04 7.72
CA LEU A 18 -11.84 7.44 7.89
C LEU A 18 -12.76 8.14 8.86
N PRO A 19 -12.27 8.74 9.95
CA PRO A 19 -13.15 9.52 10.82
C PRO A 19 -13.76 10.71 10.08
N VAL A 20 -14.83 11.28 10.67
CA VAL A 20 -15.34 12.54 10.17
C VAL A 20 -14.20 13.56 10.10
N VAL A 21 -14.13 14.24 8.96
CA VAL A 21 -13.16 15.31 8.72
C VAL A 21 -13.76 16.61 9.25
N VAL A 22 -13.28 17.08 10.39
CA VAL A 22 -13.81 18.29 11.01
C VAL A 22 -12.83 19.40 10.68
N ILE A 23 -13.32 20.39 9.92
CA ILE A 23 -12.50 21.52 9.50
C ILE A 23 -12.87 22.76 10.32
N THR A 30 -5.69 25.09 3.66
CA THR A 30 -4.29 24.78 3.32
C THR A 30 -4.21 23.52 2.44
N TYR A 31 -3.50 23.60 1.32
CA TYR A 31 -3.40 22.47 0.41
C TYR A 31 -1.96 22.22 0.03
N PRO A 32 -1.51 20.96 -0.06
CA PRO A 32 -2.23 19.74 0.29
C PRO A 32 -2.15 19.54 1.79
N ARG A 33 -3.06 18.77 2.37
CA ARG A 33 -2.92 18.40 3.77
C ARG A 33 -3.63 17.08 4.01
N VAL A 34 -3.11 16.33 4.97
CA VAL A 34 -3.72 15.06 5.35
C VAL A 34 -4.93 15.33 6.24
N ILE A 35 -6.07 14.71 5.89
CA ILE A 35 -7.33 14.94 6.60
C ILE A 35 -7.72 13.77 7.47
N GLY A 36 -7.01 12.66 7.38
CA GLY A 36 -7.18 11.56 8.30
C GLY A 36 -6.56 10.30 7.75
N GLU A 37 -6.42 9.32 8.63
CA GLU A 37 -5.89 8.02 8.26
C GLU A 37 -6.97 6.94 8.31
N LEU A 38 -6.90 6.01 7.36
CA LEU A 38 -7.70 4.81 7.47
C LEU A 38 -7.08 3.87 8.50
N THR A 39 -7.90 2.94 8.98
CA THR A 39 -7.40 1.86 9.83
C THR A 39 -6.50 0.93 9.01
N GLY A 40 -5.25 0.81 9.44
CA GLY A 40 -4.31 -0.01 8.70
C GLY A 40 -4.74 -1.47 8.68
N THR A 41 -4.42 -2.14 7.60
CA THR A 41 -4.81 -3.53 7.44
C THR A 41 -3.58 -4.40 7.15
N SER A 42 -3.78 -5.69 7.16
CA SER A 42 -2.69 -6.64 6.94
C SER A 42 -3.25 -7.93 6.35
N ASN A 43 -2.43 -8.61 5.56
CA ASN A 43 -2.82 -9.90 4.99
C ASN A 43 -1.56 -10.73 5.00
N GLN A 44 -1.55 -11.79 5.79
CA GLN A 44 -0.35 -12.63 5.91
C GLN A 44 -0.11 -13.47 4.67
N TYR A 45 -1.10 -13.60 3.80
CA TYR A 45 -1.11 -14.58 2.72
C TYR A 45 -1.49 -13.93 1.40
N ILE A 46 -0.82 -12.83 1.06
CA ILE A 46 -0.98 -12.24 -0.26
C ILE A 46 -0.51 -13.20 -1.34
N PHE A 47 0.58 -13.92 -1.08
CA PHE A 47 0.97 -15.04 -1.94
C PHE A 47 1.12 -16.27 -1.07
N ASN A 48 0.52 -17.38 -1.50
CA ASN A 48 0.43 -18.59 -0.69
C ASN A 48 0.04 -19.76 -1.59
N GLY A 49 0.42 -20.97 -1.17
CA GLY A 49 -0.09 -22.19 -1.77
C GLY A 49 0.94 -23.11 -2.44
N GLY A 50 2.15 -22.64 -2.72
CA GLY A 50 3.16 -23.54 -3.28
C GLY A 50 3.66 -24.52 -2.24
N SER A 51 4.01 -25.75 -2.69
CA SER A 51 4.40 -26.77 -1.74
C SER A 51 5.86 -26.66 -1.31
N LEU A 52 6.70 -25.91 -2.04
CA LEU A 52 8.11 -25.77 -1.73
C LEU A 52 8.39 -24.35 -1.24
N ILE A 53 8.97 -24.24 -0.05
CA ILE A 53 9.28 -22.93 0.49
C ILE A 53 10.17 -22.16 -0.50
N ALA A 54 10.12 -20.82 -0.41
CA ALA A 54 10.86 -19.95 -1.31
C ALA A 54 11.28 -18.69 -0.58
N LEU A 55 12.39 -18.12 -1.03
CA LEU A 55 12.82 -16.77 -0.66
C LEU A 55 12.11 -15.82 -1.61
N MET A 56 11.33 -14.90 -1.04
CA MET A 56 10.44 -14.05 -1.81
C MET A 56 10.57 -12.59 -1.39
N ARG A 57 10.11 -11.72 -2.29
CA ARG A 57 10.00 -10.30 -1.99
C ARG A 57 8.85 -9.71 -2.78
N GLY A 58 8.38 -8.54 -2.33
CA GLY A 58 7.26 -7.93 -3.00
C GLY A 58 7.59 -6.54 -3.49
N LYS A 59 7.37 -6.30 -4.79
CA LYS A 59 7.60 -5.01 -5.41
C LYS A 59 6.24 -4.38 -5.66
N PHE A 60 5.97 -3.23 -5.02
CA PHE A 60 4.72 -2.52 -5.24
C PHE A 60 4.88 -1.48 -6.35
N THR A 61 3.91 -1.45 -7.27
CA THR A 61 3.81 -0.40 -8.28
C THR A 61 2.46 0.28 -8.15
N PRO A 62 2.42 1.58 -7.81
CA PRO A 62 1.14 2.29 -7.78
C PRO A 62 0.67 2.56 -9.19
N THR A 63 -0.65 2.49 -9.39
CA THR A 63 -1.19 2.62 -10.74
C THR A 63 -2.29 3.67 -10.83
N LEU A 64 -2.33 4.62 -9.91
CA LEU A 64 -3.21 5.78 -10.01
C LEU A 64 -2.39 7.03 -10.36
N PRO A 65 -3.03 8.07 -10.90
CA PRO A 65 -2.29 9.29 -11.26
C PRO A 65 -1.61 9.91 -10.05
N LYS A 66 -0.37 10.33 -10.25
CA LYS A 66 0.40 10.98 -9.19
C LYS A 66 0.24 12.50 -9.32
N ILE A 67 -0.40 13.12 -8.34
CA ILE A 67 -0.63 14.58 -8.41
C ILE A 67 0.57 15.39 -7.93
N GLY A 68 1.31 14.89 -6.95
CA GLY A 68 2.45 15.60 -6.40
C GLY A 68 2.85 14.90 -5.11
N LYS A 69 3.64 15.61 -4.29
CA LYS A 69 4.16 15.04 -3.05
C LYS A 69 3.71 15.82 -1.84
N ILE A 70 3.72 15.14 -0.68
CA ILE A 70 3.47 15.75 0.61
C ILE A 70 4.32 15.08 1.66
N THR A 71 4.78 15.87 2.65
CA THR A 71 5.51 15.34 3.78
C THR A 71 4.55 14.93 4.88
N TYR A 72 4.79 13.76 5.48
CA TYR A 72 3.86 13.25 6.48
C TYR A 72 4.54 12.18 7.31
N ASN A 73 3.99 11.96 8.51
CA ASN A 73 4.43 10.89 9.40
C ASN A 73 3.20 10.19 9.94
N PHE A 74 3.01 8.93 9.55
CA PHE A 74 1.82 8.19 9.96
C PHE A 74 1.78 8.05 11.47
N ARG A 75 0.62 8.35 12.07
CA ARG A 75 0.43 8.10 13.50
C ARG A 75 0.57 6.62 13.81
N GLN A 76 -0.06 5.79 12.99
CA GLN A 76 0.20 4.36 12.97
C GLN A 76 1.64 4.11 12.53
N GLY A 77 2.06 2.86 12.62
CA GLY A 77 3.45 2.54 12.27
C GLY A 77 4.38 3.14 13.32
N ASN A 78 5.68 3.00 13.05
CA ASN A 78 6.69 3.33 14.06
C ASN A 78 7.84 4.14 13.47
N ASN A 79 7.61 4.86 12.39
CA ASN A 79 8.60 5.82 11.92
C ASN A 79 8.53 7.06 12.80
N THR A 80 9.70 7.55 13.23
CA THR A 80 9.75 8.73 14.08
C THR A 80 9.82 10.02 13.27
N GLN A 81 10.36 9.94 12.06
CA GLN A 81 10.54 11.08 11.18
C GLN A 81 9.47 11.13 10.11
N SER A 82 9.21 12.33 9.59
CA SER A 82 8.33 12.48 8.44
C SER A 82 9.06 12.09 7.16
N SER A 83 8.29 11.69 6.16
CA SER A 83 8.81 11.28 4.86
C SER A 83 7.96 11.92 3.77
N ASP A 84 8.51 11.93 2.56
CA ASP A 84 7.75 12.35 1.39
C ASP A 84 6.90 11.20 0.89
N PHE A 85 5.64 11.50 0.58
CA PHE A 85 4.71 10.54 0.01
C PHE A 85 4.17 11.11 -1.29
N ASP A 86 4.01 10.26 -2.30
CA ASP A 86 3.30 10.64 -3.51
C ASP A 86 1.81 10.69 -3.22
N ILE A 87 1.16 11.74 -3.70
CA ILE A 87 -0.29 11.87 -3.60
C ILE A 87 -0.89 11.28 -4.87
N PHE A 88 -1.76 10.30 -4.71
CA PHE A 88 -2.46 9.68 -5.82
C PHE A 88 -3.90 10.15 -5.90
N ASP A 89 -4.39 10.28 -7.11
CA ASP A 89 -5.73 10.79 -7.32
C ASP A 89 -6.75 9.69 -7.13
N THR A 90 -7.69 9.90 -6.19
CA THR A 90 -8.83 8.99 -6.05
C THR A 90 -9.79 9.08 -7.22
N GLY A 91 -9.68 10.14 -8.01
CA GLY A 91 -10.65 10.46 -9.02
C GLY A 91 -11.68 11.47 -8.55
N VAL A 92 -11.92 11.56 -7.25
CA VAL A 92 -12.87 12.55 -6.70
C VAL A 92 -12.14 13.88 -6.56
N PRO A 93 -12.68 14.97 -7.12
CA PRO A 93 -11.97 16.24 -7.06
C PRO A 93 -11.72 16.64 -5.61
N GLY A 94 -10.53 17.15 -5.35
CA GLY A 94 -10.17 17.60 -4.03
C GLY A 94 -9.62 16.52 -3.11
N LEU A 95 -9.65 15.25 -3.51
CA LEU A 95 -9.28 14.16 -2.63
C LEU A 95 -8.23 13.29 -3.29
N GLY A 96 -7.10 13.12 -2.63
CA GLY A 96 -6.11 12.14 -3.01
C GLY A 96 -5.82 11.25 -1.81
N ILE A 97 -4.90 10.30 -2.02
CA ILE A 97 -4.44 9.44 -0.94
C ILE A 97 -2.93 9.30 -1.01
N ILE A 98 -2.35 9.01 0.14
CA ILE A 98 -0.97 8.61 0.28
C ILE A 98 -0.96 7.20 0.85
N ILE A 99 0.11 6.48 0.52
CA ILE A 99 0.18 5.05 0.77
C ILE A 99 1.50 4.77 1.46
N GLY A 100 1.47 3.95 2.50
CA GLY A 100 2.65 3.27 3.00
C GLY A 100 2.38 1.79 3.03
N MET A 101 3.44 1.00 2.88
CA MET A 101 3.32 -0.45 2.99
C MET A 101 4.53 -1.00 3.70
N ALA A 102 4.38 -2.21 4.24
CA ALA A 102 5.39 -2.80 5.10
C ALA A 102 5.31 -4.32 5.00
N GLY A 103 6.40 -4.97 5.39
CA GLY A 103 6.36 -6.39 5.68
C GLY A 103 5.24 -6.77 6.63
N TYR A 104 4.90 -8.04 6.69
CA TYR A 104 3.75 -8.43 7.49
C TYR A 104 4.00 -8.19 8.98
N TRP A 105 5.16 -8.56 9.46
CA TRP A 105 5.44 -8.53 10.90
C TRP A 105 5.76 -7.11 11.35
N PRO A 106 5.34 -6.74 12.55
CA PRO A 106 5.33 -5.31 12.93
C PRO A 106 6.71 -4.69 13.06
N ALA A 107 7.76 -5.51 13.17
CA ALA A 107 9.12 -4.99 13.24
C ALA A 107 9.60 -4.39 11.92
N THR A 108 9.03 -4.79 10.79
CA THR A 108 9.50 -4.23 9.54
C THR A 108 8.96 -2.80 9.40
N PRO A 109 9.69 -1.93 8.74
CA PRO A 109 9.29 -0.52 8.69
C PRO A 109 8.21 -0.24 7.66
N LEU A 110 7.40 0.78 7.98
CA LEU A 110 6.52 1.37 7.00
C LEU A 110 7.35 2.01 5.90
N VAL A 111 7.11 1.60 4.67
CA VAL A 111 7.83 2.11 3.49
C VAL A 111 6.93 3.14 2.80
N PRO A 112 7.25 4.42 2.87
CA PRO A 112 6.44 5.40 2.13
C PRO A 112 6.48 5.14 0.63
N ILE A 113 5.33 5.25 -0.03
CA ILE A 113 5.28 5.10 -1.48
C ILE A 113 5.56 6.48 -2.08
N ASN A 114 6.77 6.65 -2.60
CA ASN A 114 7.20 7.92 -3.19
C ASN A 114 8.07 7.72 -4.42
N SER A 115 8.02 6.56 -5.07
CA SER A 115 8.69 6.34 -6.34
C SER A 115 7.79 5.48 -7.21
N SER A 116 8.22 5.30 -8.46
CA SER A 116 7.38 4.60 -9.44
C SER A 116 7.16 3.14 -9.09
N SER A 117 8.12 2.52 -8.40
CA SER A 117 7.97 1.20 -7.81
C SER A 117 8.93 1.09 -6.62
N ILE A 118 8.62 0.22 -5.67
CA ILE A 118 9.48 0.06 -4.50
C ILE A 118 9.26 -1.33 -3.92
N TYR A 119 10.32 -1.90 -3.35
CA TYR A 119 10.18 -3.15 -2.61
C TYR A 119 9.65 -2.80 -1.24
N ILE A 120 8.50 -3.36 -0.88
CA ILE A 120 7.94 -3.11 0.43
C ILE A 120 8.48 -4.06 1.48
N ASP A 121 8.96 -5.22 1.06
CA ASP A 121 9.57 -6.19 1.98
C ASP A 121 10.37 -7.21 1.19
N PRO A 122 11.67 -7.41 1.52
CA PRO A 122 12.45 -6.69 2.53
C PRO A 122 12.91 -5.34 1.99
N VAL A 123 12.92 -4.28 2.81
CA VAL A 123 13.36 -2.98 2.33
C VAL A 123 14.80 -3.02 1.84
N ALA A 124 15.60 -3.94 2.33
CA ALA A 124 16.96 -4.10 1.83
C ALA A 124 17.00 -4.27 0.31
N ALA A 125 15.98 -4.89 -0.28
CA ALA A 125 15.99 -5.12 -1.73
C ALA A 125 16.02 -3.83 -2.54
N ASN A 126 15.69 -2.69 -1.94
CA ASN A 126 15.74 -1.44 -2.65
C ASN A 126 17.17 -1.00 -2.94
N THR A 127 18.14 -1.49 -2.18
CA THR A 127 19.54 -1.21 -2.45
C THR A 127 20.39 -2.46 -2.71
N ASN A 128 19.89 -3.66 -2.45
CA ASN A 128 20.60 -4.91 -2.76
C ASN A 128 19.70 -5.75 -3.66
N PRO A 129 19.99 -5.88 -4.95
CA PRO A 129 19.05 -6.58 -5.83
C PRO A 129 19.00 -8.06 -5.60
N ASN A 130 19.84 -8.60 -4.72
CA ASN A 130 19.81 -10.03 -4.43
C ASN A 130 19.30 -10.31 -3.01
N ALA A 131 18.59 -9.35 -2.41
CA ALA A 131 18.01 -9.50 -1.09
C ALA A 131 16.56 -9.97 -1.18
N TYR A 132 16.24 -11.00 -0.41
CA TYR A 132 14.91 -11.58 -0.34
C TYR A 132 14.57 -11.85 1.12
N ASN A 133 13.30 -12.13 1.35
CA ASN A 133 12.91 -12.62 2.67
C ASN A 133 13.45 -14.03 2.90
N GLY A 134 13.61 -14.38 4.17
CA GLY A 134 13.98 -15.75 4.52
C GLY A 134 12.97 -16.76 4.03
N ALA A 135 13.45 -17.96 3.70
CA ALA A 135 12.58 -18.92 3.04
C ALA A 135 11.36 -19.24 3.88
N THR A 136 10.20 -19.30 3.23
CA THR A 136 8.95 -19.58 3.90
C THR A 136 7.93 -19.95 2.84
N GLY A 137 6.70 -20.23 3.29
CA GLY A 137 5.64 -20.65 2.40
C GLY A 137 4.63 -19.59 2.03
N SER A 138 4.86 -18.33 2.42
CA SER A 138 3.86 -17.32 2.11
C SER A 138 4.54 -15.97 2.10
N PHE A 139 3.88 -14.98 1.49
CA PHE A 139 4.32 -13.58 1.53
C PHE A 139 3.12 -12.71 1.88
N GLY A 140 3.29 -11.87 2.90
CA GLY A 140 2.25 -10.95 3.31
C GLY A 140 2.76 -9.52 3.47
N ALA A 141 1.85 -8.65 3.90
CA ALA A 141 2.17 -7.24 4.00
C ALA A 141 1.16 -6.54 4.88
N ARG A 142 1.55 -5.32 5.32
CA ARG A 142 0.68 -4.32 5.94
C ARG A 142 0.48 -3.15 4.99
N LEU A 143 -0.72 -2.57 5.03
CA LEU A 143 -1.12 -1.48 4.16
C LEU A 143 -1.62 -0.31 5.00
N TYR A 144 -1.14 0.88 4.67
CA TYR A 144 -1.49 2.11 5.35
C TYR A 144 -1.92 3.14 4.31
N VAL A 145 -3.00 3.86 4.58
CA VAL A 145 -3.47 4.87 3.64
C VAL A 145 -4.00 6.07 4.42
N ALA A 146 -3.67 7.28 3.97
CA ALA A 146 -4.26 8.49 4.52
C ALA A 146 -4.89 9.28 3.39
N PHE A 147 -6.02 9.95 3.69
CA PHE A 147 -6.66 10.83 2.70
C PHE A 147 -6.04 12.23 2.78
N VAL A 148 -5.96 12.88 1.62
CA VAL A 148 -5.32 14.18 1.48
C VAL A 148 -6.29 15.14 0.79
N ALA A 149 -6.44 16.34 1.34
CA ALA A 149 -7.21 17.39 0.69
C ALA A 149 -6.28 18.07 -0.30
N THR A 150 -6.61 17.95 -1.58
CA THR A 150 -5.84 18.60 -2.64
C THR A 150 -6.51 19.87 -3.11
N GLY A 151 -7.64 20.23 -2.51
CA GLY A 151 -8.43 21.37 -2.89
C GLY A 151 -9.62 21.49 -1.97
N ARG A 152 -10.38 22.56 -2.18
CA ARG A 152 -11.49 22.86 -1.29
C ARG A 152 -12.52 21.75 -1.30
N LEU A 153 -12.96 21.33 -0.10
CA LEU A 153 -13.92 20.24 0.06
C LEU A 153 -15.30 20.78 0.42
N PRO A 154 -16.35 20.35 -0.24
CA PRO A 154 -17.69 20.74 0.22
C PRO A 154 -18.07 20.01 1.49
N ASN A 155 -19.00 20.62 2.21
CA ASN A 155 -19.55 20.03 3.43
C ASN A 155 -20.44 18.85 3.08
N GLY A 156 -20.46 17.87 3.97
CA GLY A 156 -21.38 16.76 3.85
C GLY A 156 -20.70 15.46 3.43
N TYR A 157 -21.54 14.53 3.02
CA TYR A 157 -21.08 13.22 2.58
C TYR A 157 -20.53 13.26 1.18
N VAL A 158 -19.48 12.46 0.95
CA VAL A 158 -18.84 12.27 -0.35
C VAL A 158 -18.63 10.77 -0.53
N THR A 159 -18.98 10.23 -1.71
CA THR A 159 -18.73 8.84 -2.02
C THR A 159 -17.37 8.71 -2.71
N ILE A 160 -16.57 7.78 -2.21
CA ILE A 160 -15.30 7.40 -2.81
C ILE A 160 -15.49 6.07 -3.54
N PRO A 161 -15.19 5.98 -4.83
CA PRO A 161 -15.31 4.68 -5.50
C PRO A 161 -14.26 3.71 -5.00
N THR A 162 -14.52 2.43 -5.22
CA THR A 162 -13.46 1.44 -5.00
C THR A 162 -12.37 1.65 -6.04
N LYS A 163 -11.12 1.71 -5.60
CA LYS A 163 -10.01 1.98 -6.49
C LYS A 163 -8.96 0.91 -6.30
N GLN A 164 -8.30 0.54 -7.40
CA GLN A 164 -7.09 -0.27 -7.30
C GLN A 164 -5.89 0.67 -7.17
N LEU A 165 -5.27 0.64 -5.99
CA LEU A 165 -4.14 1.51 -5.72
C LEU A 165 -2.90 1.07 -6.48
N GLY A 166 -2.77 -0.22 -6.75
CA GLY A 166 -1.58 -0.72 -7.42
C GLY A 166 -1.57 -2.23 -7.35
N HIS A 167 -0.41 -2.81 -7.57
CA HIS A 167 -0.23 -4.24 -7.44
C HIS A 167 1.12 -4.54 -6.83
N ILE A 168 1.21 -5.70 -6.18
CA ILE A 168 2.46 -6.27 -5.71
C ILE A 168 2.85 -7.38 -6.67
N LEU A 169 4.08 -7.30 -7.15
CA LEU A 169 4.70 -8.33 -7.96
C LEU A 169 5.51 -9.23 -7.04
N LEU A 170 5.28 -10.55 -7.13
CA LEU A 170 6.08 -11.51 -6.40
C LEU A 170 7.36 -11.80 -7.16
N GLU A 171 8.50 -11.63 -6.49
CA GLU A 171 9.80 -12.01 -7.02
C GLU A 171 10.44 -13.03 -6.09
N SER A 172 11.30 -13.87 -6.66
CA SER A 172 11.99 -14.93 -5.93
C SER A 172 13.33 -15.19 -6.61
N ASN A 173 14.28 -15.75 -5.85
CA ASN A 173 15.52 -16.21 -6.48
C ASN A 173 15.35 -17.61 -7.09
N ARG A 174 14.17 -18.20 -7.00
CA ARG A 174 13.86 -19.41 -7.75
C ARG A 174 13.27 -18.99 -9.09
N ALA A 175 13.97 -19.33 -10.16
CA ALA A 175 13.62 -18.82 -11.48
C ALA A 175 12.19 -19.17 -11.86
N SER A 176 11.80 -20.41 -11.65
CA SER A 176 10.48 -20.87 -12.08
C SER A 176 9.37 -20.08 -11.38
N LEU A 177 9.53 -19.81 -10.09
CA LEU A 177 8.56 -18.99 -9.38
C LEU A 177 8.62 -17.53 -9.83
N ASN A 178 9.82 -16.98 -9.92
CA ASN A 178 9.98 -15.60 -10.38
C ASN A 178 9.33 -15.41 -11.74
N ASN A 179 9.54 -16.33 -12.67
CA ASN A 179 9.10 -16.04 -14.02
C ASN A 179 7.59 -16.19 -14.20
N LYS A 180 6.87 -16.67 -13.17
CA LYS A 180 5.41 -16.64 -13.19
C LYS A 180 4.87 -15.21 -13.13
N ARG A 181 5.64 -14.30 -12.53
CA ARG A 181 5.25 -12.90 -12.41
CA ARG A 181 5.23 -12.90 -12.44
C ARG A 181 3.87 -12.77 -11.78
N LEU A 182 3.70 -13.48 -10.67
CA LEU A 182 2.44 -13.42 -9.93
C LEU A 182 2.23 -12.01 -9.38
N THR A 183 0.99 -11.52 -9.50
CA THR A 183 0.70 -10.19 -9.01
C THR A 183 -0.61 -10.19 -8.24
N ALA A 184 -0.63 -9.40 -7.16
CA ALA A 184 -1.73 -9.26 -6.22
C ALA A 184 -2.19 -7.81 -6.19
N PRO A 185 -3.48 -7.56 -6.24
CA PRO A 185 -3.94 -6.17 -6.20
C PRO A 185 -3.97 -5.61 -4.79
N VAL A 186 -3.72 -4.30 -4.73
CA VAL A 186 -3.76 -3.50 -3.51
C VAL A 186 -4.94 -2.58 -3.72
N MET A 187 -5.97 -2.76 -2.88
CA MET A 187 -7.29 -2.20 -3.11
C MET A 187 -7.68 -1.20 -2.03
N LEU A 188 -8.26 -0.09 -2.47
CA LEU A 188 -8.98 0.84 -1.60
C LEU A 188 -10.45 0.53 -1.76
N ASN A 189 -11.03 -0.13 -0.76
CA ASN A 189 -12.47 -0.37 -0.78
C ASN A 189 -13.20 0.96 -0.63
N GLY A 190 -14.13 1.23 -1.53
CA GLY A 190 -14.83 2.49 -1.53
C GLY A 190 -15.78 2.62 -0.35
N GLY A 191 -16.37 3.79 -0.24
CA GLY A 191 -17.25 4.05 0.88
C GLY A 191 -17.61 5.52 0.91
N ARG A 192 -18.11 5.94 2.07
CA ARG A 192 -18.59 7.29 2.27
C ARG A 192 -17.71 7.96 3.31
N ILE A 193 -17.28 9.20 3.04
CA ILE A 193 -16.66 10.01 4.06
C ILE A 193 -17.57 11.22 4.31
N GLN A 194 -17.33 11.92 5.41
CA GLN A 194 -18.08 13.11 5.79
C GLN A 194 -17.12 14.23 6.13
N VAL A 195 -17.42 15.41 5.59
CA VAL A 195 -16.70 16.64 5.86
C VAL A 195 -17.63 17.56 6.64
N GLN A 196 -17.13 18.14 7.73
CA GLN A 196 -17.87 19.10 8.54
C GLN A 196 -17.03 20.38 8.52
N SER A 197 -17.53 21.41 7.86
CA SER A 197 -16.76 22.64 7.75
C SER A 197 -17.51 23.79 8.40
#